data_4UC1
#
_entry.id   4UC1
#
_cell.length_a   58.632
_cell.length_b   99.544
_cell.length_c   95.210
_cell.angle_alpha   90.000
_cell.angle_beta   99.920
_cell.angle_gamma   90.000
#
_symmetry.space_group_name_H-M   'C 1 2 1'
#
loop_
_entity.id
_entity.type
_entity.pdbx_description
1 polymer 'Translocator protein TspO'
2 non-polymer '(2R)-2,3-dihydroxypropyl (9Z)-octadec-9-enoate'
3 non-polymer 'PROTOPORPHYRIN IX'
4 non-polymer '(2S)-1-(hexadecanoyloxy)-3-hydroxypropan-2-yl (11Z)-octadec-11-enoate'
5 non-polymer 'O-ACETALDEHYDYL-HEXAETHYLENE GLYCOL'
6 non-polymer METHOXY-ETHOXYL
7 water water
#
_entity_poly.entity_id   1
_entity_poly.type   'polypeptide(L)'
_entity_poly.pdbx_seq_one_letter_code
;MNMDWALFLTFLAACGAPATTGALLKPDEWYDNLNKPWWNPPRWVFPLAWTSLYFLMSLAAMRVAQLEGSGQALAFYAAQ
LAFNTLWTPVFFGMKRMATALAVVMVMWLFVAATMWAFFQLDTWAGVLFVPYLIWATATTGLNFEAMRLNWNRPEAR
;
_entity_poly.pdbx_strand_id   A,B,C
#
loop_
_chem_comp.id
_chem_comp.type
_chem_comp.name
_chem_comp.formula
MOE non-polymer METHOXY-ETHOXYL 'C3 H7 O2 -1'
OLC non-polymer '(2R)-2,3-dihydroxypropyl (9Z)-octadec-9-enoate' 'C21 H40 O4'
P4C non-polymer 'O-ACETALDEHYDYL-HEXAETHYLENE GLYCOL' 'C14 H28 O8'
PP9 non-polymer 'PROTOPORPHYRIN IX' 'C34 H34 N4 O4'
Z0P non-polymer '(2S)-1-(hexadecanoyloxy)-3-hydroxypropan-2-yl (11Z)-octadec-11-enoate' 'C37 H70 O5'
#
# COMPACT_ATOMS: atom_id res chain seq x y z
N MET A 1 21.49 -5.52 -12.33
CA MET A 1 20.41 -5.56 -11.32
C MET A 1 20.79 -4.68 -10.14
N ASN A 2 19.91 -3.77 -9.78
CA ASN A 2 20.21 -2.78 -8.77
C ASN A 2 19.07 -2.54 -7.80
N MET A 3 19.41 -1.93 -6.66
CA MET A 3 18.42 -1.36 -5.76
C MET A 3 18.01 -0.03 -6.39
N ASP A 4 16.94 -0.06 -7.18
CA ASP A 4 16.49 1.10 -7.96
C ASP A 4 15.37 1.82 -7.22
N TRP A 5 15.68 2.99 -6.64
CA TRP A 5 14.75 3.61 -5.71
C TRP A 5 13.57 4.25 -6.42
N ALA A 6 13.76 4.74 -7.64
CA ALA A 6 12.60 5.24 -8.40
C ALA A 6 11.55 4.11 -8.61
N LEU A 7 12.00 2.95 -9.06
CA LEU A 7 11.11 1.80 -9.20
C LEU A 7 10.51 1.37 -7.87
N PHE A 8 11.39 1.17 -6.88
CA PHE A 8 10.96 0.62 -5.61
C PHE A 8 9.92 1.53 -4.96
N LEU A 9 10.19 2.83 -4.91
CA LEU A 9 9.26 3.77 -4.30
C LEU A 9 7.96 3.90 -5.09
N THR A 10 8.01 3.67 -6.40
CA THR A 10 6.77 3.74 -7.18
C THR A 10 5.87 2.56 -6.81
N PHE A 11 6.45 1.37 -6.76
CA PHE A 11 5.67 0.18 -6.39
C PHE A 11 5.21 0.27 -4.94
N LEU A 12 6.06 0.80 -4.06
CA LEU A 12 5.65 0.99 -2.66
C LEU A 12 4.50 2.00 -2.56
N ALA A 13 4.64 3.13 -3.26
CA ALA A 13 3.55 4.11 -3.27
C ALA A 13 2.24 3.51 -3.78
N ALA A 14 2.32 2.65 -4.78
CA ALA A 14 1.14 1.97 -5.30
C ALA A 14 0.45 1.13 -4.23
N CYS A 15 1.24 0.54 -3.33
CA CYS A 15 0.68 -0.24 -2.20
C CYS A 15 -0.04 0.64 -1.21
N GLY A 16 0.15 1.95 -1.32
CA GLY A 16 -0.55 2.90 -0.49
C GLY A 16 -2.05 2.82 -0.71
N ALA A 17 -2.47 2.29 -1.87
CA ALA A 17 -3.88 2.21 -2.20
C ALA A 17 -4.56 1.06 -1.41
N PRO A 18 -4.07 -0.20 -1.53
CA PRO A 18 -4.68 -1.18 -0.60
C PRO A 18 -4.45 -0.81 0.86
N ALA A 19 -3.32 -0.18 1.19
CA ALA A 19 -3.05 0.22 2.57
C ALA A 19 -4.12 1.15 3.13
N THR A 20 -4.59 2.05 2.27
CA THR A 20 -5.65 2.98 2.63
C THR A 20 -6.98 2.25 2.92
N THR A 21 -7.29 1.18 2.18
CA THR A 21 -8.51 0.40 2.45
C THR A 21 -8.52 -0.16 3.88
N GLY A 22 -7.34 -0.57 4.36
CA GLY A 22 -7.23 -1.06 5.72
C GLY A 22 -7.29 0.07 6.73
N ALA A 23 -6.65 1.19 6.38
CA ALA A 23 -6.62 2.35 7.26
C ALA A 23 -8.02 2.90 7.57
N LEU A 24 -8.93 2.80 6.61
CA LEU A 24 -10.25 3.38 6.75
C LEU A 24 -11.23 2.42 7.45
N LEU A 25 -10.72 1.26 7.85
CA LEU A 25 -11.51 0.31 8.64
C LEU A 25 -11.64 0.79 10.10
N LYS A 26 -12.73 0.38 10.73
CA LYS A 26 -12.98 0.71 12.12
C LYS A 26 -13.35 -0.56 12.88
N PRO A 27 -13.32 -0.51 14.23
CA PRO A 27 -13.95 -1.61 14.98
C PRO A 27 -15.35 -1.86 14.43
N ASP A 28 -15.75 -3.12 14.36
CA ASP A 28 -16.97 -3.46 13.67
C ASP A 28 -17.61 -4.66 14.33
N GLU A 29 -18.71 -4.43 15.03
CA GLU A 29 -19.40 -5.50 15.74
C GLU A 29 -19.84 -6.62 14.78
N TRP A 30 -20.13 -6.25 13.52
CA TRP A 30 -20.46 -7.27 12.52
C TRP A 30 -19.30 -8.27 12.43
N TYR A 31 -18.08 -7.76 12.26
CA TYR A 31 -16.91 -8.63 12.17
C TYR A 31 -16.63 -9.39 13.46
N ASP A 32 -16.73 -8.68 14.58
CA ASP A 32 -16.53 -9.31 15.89
C ASP A 32 -17.54 -10.43 16.11
N ASN A 33 -18.79 -10.21 15.68
CA ASN A 33 -19.85 -11.20 15.82
C ASN A 33 -19.70 -12.45 14.95
N LEU A 34 -18.82 -12.38 13.93
CA LEU A 34 -18.67 -13.51 13.00
C LEU A 34 -18.07 -14.72 13.67
N ASN A 35 -18.61 -15.90 13.37
CA ASN A 35 -17.95 -17.14 13.74
C ASN A 35 -16.69 -17.32 12.90
N LYS A 36 -15.61 -17.69 13.57
CA LYS A 36 -14.29 -17.74 12.95
C LYS A 36 -13.58 -19.06 13.25
N PRO A 37 -12.75 -19.52 12.30
CA PRO A 37 -12.00 -20.76 12.49
C PRO A 37 -10.90 -20.58 13.54
N TRP A 38 -10.54 -21.67 14.22
CA TRP A 38 -9.60 -21.61 15.34
C TRP A 38 -8.27 -20.99 14.94
N TRP A 39 -7.90 -21.13 13.67
CA TRP A 39 -6.61 -20.64 13.20
C TRP A 39 -6.67 -19.18 12.72
N ASN A 40 -7.80 -18.51 12.90
CA ASN A 40 -7.91 -17.10 12.56
C ASN A 40 -6.98 -16.24 13.43
N PRO A 41 -6.11 -15.44 12.81
CA PRO A 41 -5.24 -14.55 13.59
C PRO A 41 -5.99 -13.39 14.24
N PRO A 42 -5.48 -12.88 15.37
CA PRO A 42 -5.98 -11.63 15.96
C PRO A 42 -5.93 -10.49 14.96
N ARG A 43 -6.77 -9.49 15.16
CA ARG A 43 -6.91 -8.38 14.23
C ARG A 43 -5.60 -7.58 14.00
N TRP A 44 -4.79 -7.45 15.04
CA TRP A 44 -3.54 -6.66 14.96
C TRP A 44 -2.46 -7.29 14.06
N VAL A 45 -2.53 -8.59 13.83
CA VAL A 45 -1.56 -9.27 12.97
C VAL A 45 -1.63 -8.81 11.51
N PHE A 46 -2.85 -8.61 11.01
CA PHE A 46 -3.04 -8.34 9.59
C PHE A 46 -2.31 -7.08 9.04
N PRO A 47 -2.40 -5.93 9.73
CA PRO A 47 -1.63 -4.79 9.21
C PRO A 47 -0.12 -5.04 9.17
N LEU A 48 0.41 -5.82 10.11
CA LEU A 48 1.85 -6.09 10.14
C LEU A 48 2.24 -7.05 9.02
N ALA A 49 1.45 -8.08 8.81
CA ALA A 49 1.69 -9.01 7.71
C ALA A 49 1.60 -8.28 6.37
N TRP A 50 0.57 -7.47 6.18
CA TRP A 50 0.42 -6.78 4.91
C TRP A 50 1.54 -5.77 4.63
N THR A 51 1.94 -5.00 5.65
CA THR A 51 3.04 -4.06 5.48
C THR A 51 4.28 -4.81 5.01
N SER A 52 4.59 -5.93 5.65
CA SER A 52 5.73 -6.75 5.22
C SER A 52 5.57 -7.21 3.76
N LEU A 53 4.38 -7.68 3.42
CA LEU A 53 4.12 -8.14 2.05
C LEU A 53 4.22 -7.01 1.02
N TYR A 54 3.78 -5.80 1.36
CA TYR A 54 3.95 -4.65 0.45
C TYR A 54 5.41 -4.42 0.10
N PHE A 55 6.28 -4.49 1.12
CA PHE A 55 7.69 -4.27 0.87
C PHE A 55 8.26 -5.41 0.01
N LEU A 56 7.94 -6.66 0.35
CA LEU A 56 8.46 -7.79 -0.42
C LEU A 56 7.97 -7.75 -1.85
N MET A 57 6.69 -7.47 -2.07
CA MET A 57 6.13 -7.49 -3.43
C MET A 57 6.70 -6.33 -4.27
N SER A 58 6.93 -5.18 -3.62
CA SER A 58 7.55 -4.02 -4.29
C SER A 58 9.02 -4.24 -4.67
N LEU A 59 9.76 -4.90 -3.79
CA LEU A 59 11.15 -5.25 -4.09
C LEU A 59 11.21 -6.27 -5.23
N ALA A 60 10.30 -7.24 -5.21
CA ALA A 60 10.21 -8.22 -6.28
C ALA A 60 9.95 -7.54 -7.64
N ALA A 61 8.94 -6.67 -7.66
CA ALA A 61 8.57 -5.98 -8.89
C ALA A 61 9.70 -5.07 -9.37
N MET A 62 10.40 -4.44 -8.42
CA MET A 62 11.57 -3.59 -8.69
C MET A 62 12.66 -4.35 -9.45
N ARG A 63 12.93 -5.58 -9.01
CA ARG A 63 13.90 -6.41 -9.66
C ARG A 63 13.45 -6.76 -11.07
N VAL A 64 12.20 -7.21 -11.19
CA VAL A 64 11.67 -7.68 -12.47
C VAL A 64 11.57 -6.55 -13.50
N ALA A 65 11.16 -5.37 -13.04
CA ALA A 65 11.01 -4.22 -13.91
C ALA A 65 12.35 -3.78 -14.53
N GLN A 66 13.46 -4.34 -14.08
CA GLN A 66 14.76 -4.01 -14.69
C GLN A 66 15.16 -5.02 -15.75
N LEU A 67 14.32 -6.02 -15.98
CA LEU A 67 14.66 -7.11 -16.89
C LEU A 67 13.91 -7.04 -18.22
N GLU A 68 14.60 -7.44 -19.29
CA GLU A 68 13.99 -7.50 -20.60
C GLU A 68 12.88 -8.57 -20.61
N GLY A 69 11.80 -8.31 -21.34
CA GLY A 69 10.71 -9.27 -21.42
C GLY A 69 9.82 -9.36 -20.18
N SER A 70 9.85 -8.33 -19.35
CA SER A 70 9.10 -8.36 -18.09
C SER A 70 7.64 -7.91 -18.24
N GLY A 71 7.23 -7.58 -19.46
CA GLY A 71 5.92 -7.02 -19.72
C GLY A 71 4.73 -7.82 -19.18
N GLN A 72 4.69 -9.10 -19.50
CA GLN A 72 3.59 -9.96 -19.04
C GLN A 72 3.58 -10.08 -17.51
N ALA A 73 4.76 -10.17 -16.93
CA ALA A 73 4.92 -10.29 -15.49
C ALA A 73 4.34 -9.07 -14.79
N LEU A 74 4.64 -7.89 -15.32
CA LEU A 74 4.18 -6.64 -14.70
C LEU A 74 2.71 -6.36 -15.01
N ALA A 75 2.20 -6.98 -16.05
CA ALA A 75 0.78 -6.90 -16.33
C ALA A 75 0.04 -7.73 -15.28
N PHE A 76 0.57 -8.92 -14.99
CA PHE A 76 0.02 -9.74 -13.91
C PHE A 76 0.13 -8.99 -12.57
N TYR A 77 1.26 -8.32 -12.34
CA TYR A 77 1.48 -7.56 -11.10
C TYR A 77 0.42 -6.47 -10.95
N ALA A 78 0.17 -5.74 -12.04
CA ALA A 78 -0.87 -4.72 -12.00
C ALA A 78 -2.26 -5.31 -11.64
N ALA A 79 -2.61 -6.46 -12.24
CA ALA A 79 -3.90 -7.09 -11.97
C ALA A 79 -4.04 -7.57 -10.52
N GLN A 80 -2.99 -8.22 -10.05
CA GLN A 80 -2.89 -8.70 -8.66
C GLN A 80 -3.17 -7.51 -7.67
N LEU A 81 -2.48 -6.40 -7.87
CA LEU A 81 -2.61 -5.24 -6.98
C LEU A 81 -4.02 -4.64 -6.98
N ALA A 82 -4.63 -4.57 -8.17
CA ALA A 82 -5.96 -3.98 -8.27
C ALA A 82 -7.03 -4.84 -7.58
N PHE A 83 -6.96 -6.17 -7.74
CA PHE A 83 -7.97 -7.00 -7.07
C PHE A 83 -7.71 -7.05 -5.56
N ASN A 84 -6.45 -6.95 -5.17
CA ASN A 84 -6.08 -6.81 -3.77
C ASN A 84 -6.75 -5.55 -3.18
N THR A 85 -6.67 -4.44 -3.90
CA THR A 85 -7.28 -3.17 -3.49
C THR A 85 -8.81 -3.26 -3.39
N LEU A 86 -9.40 -4.02 -4.29
CA LEU A 86 -10.83 -4.20 -4.36
C LEU A 86 -11.39 -5.04 -3.19
N TRP A 87 -10.60 -5.99 -2.69
CA TRP A 87 -11.16 -6.96 -1.75
C TRP A 87 -11.67 -6.36 -0.42
N THR A 88 -10.88 -5.53 0.23
CA THR A 88 -11.25 -5.06 1.57
C THR A 88 -12.59 -4.30 1.62
N PRO A 89 -12.81 -3.32 0.73
CA PRO A 89 -14.13 -2.66 0.76
C PRO A 89 -15.29 -3.60 0.47
N VAL A 90 -15.09 -4.61 -0.39
CA VAL A 90 -16.20 -5.52 -0.70
C VAL A 90 -16.52 -6.37 0.53
N PHE A 91 -15.49 -6.86 1.21
CA PHE A 91 -15.74 -7.71 2.39
C PHE A 91 -16.16 -6.88 3.62
N PHE A 92 -15.41 -5.83 3.94
CA PHE A 92 -15.63 -5.09 5.18
C PHE A 92 -16.59 -3.92 5.06
N GLY A 93 -16.60 -3.26 3.91
CA GLY A 93 -17.45 -2.09 3.74
C GLY A 93 -18.84 -2.43 3.24
N MET A 94 -18.91 -3.27 2.21
CA MET A 94 -20.20 -3.63 1.63
C MET A 94 -20.77 -4.86 2.32
N LYS A 95 -19.91 -5.57 3.05
CA LYS A 95 -20.27 -6.82 3.74
C LYS A 95 -20.86 -7.85 2.78
N ARG A 96 -20.32 -7.89 1.57
CA ARG A 96 -20.70 -8.86 0.56
C ARG A 96 -19.73 -10.04 0.60
N MET A 97 -19.98 -11.01 1.48
CA MET A 97 -18.99 -12.06 1.72
C MET A 97 -18.81 -12.97 0.50
N ALA A 98 -19.90 -13.25 -0.20
CA ALA A 98 -19.86 -14.10 -1.40
C ALA A 98 -19.10 -13.41 -2.54
N THR A 99 -19.46 -12.16 -2.83
CA THR A 99 -18.71 -11.42 -3.86
C THR A 99 -17.25 -11.24 -3.45
N ALA A 100 -16.99 -11.05 -2.15
CA ALA A 100 -15.60 -10.88 -1.71
C ALA A 100 -14.80 -12.17 -1.94
N LEU A 101 -15.46 -13.32 -1.77
CA LEU A 101 -14.79 -14.59 -2.05
C LEU A 101 -14.40 -14.73 -3.52
N ALA A 102 -15.28 -14.31 -4.42
CA ALA A 102 -14.93 -14.24 -5.83
C ALA A 102 -13.72 -13.33 -6.08
N VAL A 103 -13.71 -12.15 -5.45
CA VAL A 103 -12.62 -11.18 -5.61
C VAL A 103 -11.28 -11.75 -5.13
N VAL A 104 -11.26 -12.36 -3.95
CA VAL A 104 -10.00 -12.83 -3.41
C VAL A 104 -9.47 -14.05 -4.18
N MET A 105 -10.38 -14.83 -4.78
CA MET A 105 -9.94 -15.94 -5.62
C MET A 105 -9.31 -15.43 -6.93
N VAL A 106 -9.90 -14.39 -7.52
CA VAL A 106 -9.25 -13.75 -8.67
C VAL A 106 -7.89 -13.15 -8.28
N MET A 107 -7.85 -12.50 -7.11
CA MET A 107 -6.60 -11.98 -6.55
C MET A 107 -5.58 -13.10 -6.46
N TRP A 108 -6.00 -14.22 -5.86
CA TRP A 108 -5.14 -15.38 -5.67
C TRP A 108 -4.58 -15.84 -7.01
N LEU A 109 -5.45 -15.97 -8.02
CA LEU A 109 -5.01 -16.36 -9.36
C LEU A 109 -3.94 -15.42 -9.94
N PHE A 110 -4.10 -14.11 -9.78
CA PHE A 110 -3.11 -13.18 -10.33
C PHE A 110 -1.84 -13.08 -9.46
N VAL A 111 -1.96 -13.36 -8.17
CA VAL A 111 -0.78 -13.49 -7.32
C VAL A 111 0.03 -14.71 -7.78
N ALA A 112 -0.65 -15.84 -8.00
CA ALA A 112 0.03 -17.06 -8.46
C ALA A 112 0.67 -16.80 -9.83
N ALA A 113 -0.08 -16.19 -10.73
CA ALA A 113 0.41 -15.88 -12.07
C ALA A 113 1.61 -14.96 -12.03
N THR A 114 1.56 -13.96 -11.14
CA THR A 114 2.66 -13.02 -11.03
C THR A 114 3.89 -13.78 -10.55
N MET A 115 3.72 -14.55 -9.49
CA MET A 115 4.81 -15.34 -8.93
C MET A 115 5.45 -16.28 -9.97
N TRP A 116 4.61 -16.98 -10.74
CA TRP A 116 5.14 -17.84 -11.80
C TRP A 116 5.93 -17.05 -12.84
N ALA A 117 5.36 -15.94 -13.31
CA ALA A 117 6.02 -15.13 -14.32
C ALA A 117 7.31 -14.48 -13.78
N PHE A 118 7.34 -14.19 -12.48
CA PHE A 118 8.53 -13.61 -11.87
C PHE A 118 9.64 -14.68 -11.84
N PHE A 119 9.32 -15.88 -11.37
CA PHE A 119 10.29 -16.99 -11.38
C PHE A 119 10.91 -17.21 -12.75
N GLN A 120 10.12 -17.01 -13.81
CA GLN A 120 10.62 -17.21 -15.17
C GLN A 120 11.73 -16.24 -15.54
N LEU A 121 11.79 -15.11 -14.84
CA LEU A 121 12.73 -14.04 -15.17
C LEU A 121 13.81 -13.89 -14.11
N ASP A 122 13.47 -14.21 -12.85
CA ASP A 122 14.36 -13.94 -11.73
C ASP A 122 13.92 -14.74 -10.51
N THR A 123 14.79 -15.62 -10.04
CA THR A 123 14.45 -16.52 -8.94
C THR A 123 14.10 -15.76 -7.66
N TRP A 124 14.93 -14.79 -7.29
CA TRP A 124 14.69 -14.05 -6.05
C TRP A 124 13.35 -13.30 -6.05
N ALA A 125 12.98 -12.73 -7.19
CA ALA A 125 11.66 -12.10 -7.33
C ALA A 125 10.52 -13.13 -7.14
N GLY A 126 10.69 -14.33 -7.68
CA GLY A 126 9.72 -15.38 -7.42
C GLY A 126 9.67 -15.75 -5.94
N VAL A 127 10.85 -15.94 -5.34
CA VAL A 127 10.91 -16.32 -3.93
C VAL A 127 10.24 -15.26 -3.05
N LEU A 128 10.44 -13.99 -3.37
CA LEU A 128 9.81 -12.93 -2.59
C LEU A 128 8.30 -13.01 -2.66
N PHE A 129 7.76 -13.56 -3.76
CA PHE A 129 6.30 -13.66 -3.86
C PHE A 129 5.72 -14.86 -3.13
N VAL A 130 6.55 -15.82 -2.75
CA VAL A 130 6.04 -17.03 -2.10
C VAL A 130 5.29 -16.76 -0.78
N PRO A 131 5.84 -15.91 0.11
CA PRO A 131 5.04 -15.67 1.32
C PRO A 131 3.74 -14.93 1.02
N TYR A 132 3.71 -14.18 -0.08
CA TYR A 132 2.49 -13.51 -0.54
C TYR A 132 1.43 -14.54 -0.98
N LEU A 133 1.84 -15.51 -1.79
CA LEU A 133 0.88 -16.53 -2.22
C LEU A 133 0.36 -17.29 -1.01
N ILE A 134 1.25 -17.51 -0.04
CA ILE A 134 0.87 -18.27 1.13
C ILE A 134 -0.18 -17.48 1.91
N TRP A 135 0.08 -16.19 2.12
CA TRP A 135 -0.87 -15.33 2.82
C TRP A 135 -2.19 -15.18 2.07
N ALA A 136 -2.11 -15.04 0.75
CA ALA A 136 -3.31 -14.99 -0.08
C ALA A 136 -4.13 -16.29 0.05
N THR A 137 -3.44 -17.40 0.23
CA THR A 137 -4.11 -18.68 0.37
C THR A 137 -4.86 -18.71 1.70
N ALA A 138 -4.21 -18.26 2.76
CA ALA A 138 -4.84 -18.13 4.06
C ALA A 138 -6.02 -17.17 4.02
N THR A 139 -5.84 -16.03 3.36
CA THR A 139 -6.89 -15.04 3.27
C THR A 139 -8.14 -15.58 2.56
N THR A 140 -7.93 -16.33 1.49
CA THR A 140 -9.03 -16.98 0.78
C THR A 140 -9.75 -17.95 1.72
N GLY A 141 -8.97 -18.75 2.45
CA GLY A 141 -9.51 -19.68 3.42
C GLY A 141 -10.34 -19.01 4.49
N LEU A 142 -9.89 -17.84 4.96
CA LEU A 142 -10.66 -17.08 5.94
C LEU A 142 -11.96 -16.57 5.37
N ASN A 143 -11.93 -16.04 4.15
CA ASN A 143 -13.15 -15.53 3.52
C ASN A 143 -14.15 -16.67 3.33
N PHE A 144 -13.64 -17.82 2.90
CA PHE A 144 -14.49 -19.00 2.70
C PHE A 144 -15.11 -19.51 4.01
N GLU A 145 -14.31 -19.57 5.08
CA GLU A 145 -14.82 -20.12 6.32
C GLU A 145 -15.79 -19.14 6.97
N ALA A 146 -15.51 -17.85 6.81
CA ALA A 146 -16.46 -16.80 7.22
C ALA A 146 -17.83 -17.01 6.60
N MET A 147 -17.83 -17.29 5.30
N MET A 147 -17.83 -17.32 5.31
CA MET A 147 -19.06 -17.59 4.56
CA MET A 147 -19.07 -17.58 4.57
C MET A 147 -19.76 -18.81 5.15
C MET A 147 -19.77 -18.81 5.08
N ARG A 148 -19.00 -19.90 5.19
CA ARG A 148 -19.49 -21.19 5.63
C ARG A 148 -20.02 -21.20 7.07
N LEU A 149 -19.34 -20.47 7.97
CA LEU A 149 -19.64 -20.54 9.39
C LEU A 149 -20.68 -19.54 9.89
N ASN A 150 -21.25 -18.73 9.00
CA ASN A 150 -22.13 -17.66 9.46
C ASN A 150 -23.42 -17.49 8.67
N TRP A 151 -24.34 -16.73 9.25
CA TRP A 151 -25.49 -16.22 8.51
C TRP A 151 -25.02 -15.26 7.45
N ASN A 152 -25.51 -15.46 6.23
CA ASN A 152 -25.27 -14.50 5.15
C ASN A 152 -26.62 -14.04 4.63
N ARG A 153 -26.81 -12.74 4.50
CA ARG A 153 -28.03 -12.18 3.93
C ARG A 153 -27.82 -11.97 2.43
N PRO A 154 -28.91 -11.91 1.64
CA PRO A 154 -28.77 -11.68 0.20
C PRO A 154 -28.05 -10.39 -0.12
N GLU A 155 -27.27 -10.38 -1.18
CA GLU A 155 -26.73 -9.15 -1.72
C GLU A 155 -27.72 -8.61 -2.75
N ALA A 156 -27.55 -7.35 -3.13
CA ALA A 156 -28.33 -6.78 -4.24
C ALA A 156 -28.17 -7.59 -5.52
N ARG A 157 -29.26 -7.77 -6.27
CA ARG A 157 -29.23 -8.60 -7.47
C ARG A 157 -28.58 -7.86 -8.64
N ASN B 2 3.50 -5.76 -32.90
CA ASN B 2 2.17 -5.19 -33.10
C ASN B 2 1.24 -5.54 -31.92
N MET B 3 0.17 -6.26 -32.21
CA MET B 3 -0.90 -6.52 -31.26
C MET B 3 -0.65 -7.80 -30.48
N ASP B 4 -0.51 -7.67 -29.16
CA ASP B 4 -0.23 -8.80 -28.27
C ASP B 4 -1.47 -9.09 -27.41
N TRP B 5 -2.24 -10.09 -27.79
CA TRP B 5 -3.54 -10.36 -27.20
C TRP B 5 -3.46 -10.80 -25.73
N ALA B 6 -2.46 -11.60 -25.39
CA ALA B 6 -2.25 -12.03 -24.01
C ALA B 6 -2.02 -10.81 -23.11
N LEU B 7 -1.19 -9.88 -23.56
CA LEU B 7 -0.92 -8.67 -22.82
C LEU B 7 -2.17 -7.82 -22.68
N PHE B 8 -2.82 -7.55 -23.81
CA PHE B 8 -4.00 -6.70 -23.80
C PHE B 8 -5.09 -7.26 -22.89
N LEU B 9 -5.30 -8.57 -22.97
CA LEU B 9 -6.37 -9.19 -22.19
C LEU B 9 -6.00 -9.23 -20.71
N THR B 10 -4.71 -9.32 -20.40
CA THR B 10 -4.28 -9.23 -19.01
C THR B 10 -4.59 -7.84 -18.48
N PHE B 11 -4.22 -6.81 -19.24
CA PHE B 11 -4.48 -5.46 -18.77
C PHE B 11 -5.97 -5.19 -18.72
N LEU B 12 -6.72 -5.73 -19.68
CA LEU B 12 -8.16 -5.53 -19.65
C LEU B 12 -8.77 -6.21 -18.43
N ALA B 13 -8.28 -7.41 -18.11
CA ALA B 13 -8.77 -8.13 -16.93
C ALA B 13 -8.47 -7.35 -15.65
N ALA B 14 -7.31 -6.71 -15.59
CA ALA B 14 -6.96 -5.89 -14.43
C ALA B 14 -8.00 -4.78 -14.23
N CYS B 15 -8.55 -4.26 -15.33
CA CYS B 15 -9.58 -3.23 -15.25
C CYS B 15 -10.87 -3.79 -14.70
N GLY B 16 -11.00 -5.11 -14.67
CA GLY B 16 -12.15 -5.74 -14.05
C GLY B 16 -12.32 -5.36 -12.58
N ALA B 17 -11.22 -5.03 -11.93
CA ALA B 17 -11.31 -4.66 -10.53
C ALA B 17 -11.99 -3.30 -10.34
N PRO B 18 -11.49 -2.23 -11.00
CA PRO B 18 -12.28 -1.00 -10.80
C PRO B 18 -13.67 -1.07 -11.44
N ALA B 19 -13.80 -1.81 -12.54
CA ALA B 19 -15.10 -1.96 -13.17
C ALA B 19 -16.12 -2.57 -12.20
N THR B 20 -15.65 -3.49 -11.36
CA THR B 20 -16.49 -4.12 -10.34
C THR B 20 -17.00 -3.14 -9.27
N THR B 21 -16.15 -2.18 -8.88
CA THR B 21 -16.55 -1.17 -7.89
C THR B 21 -17.75 -0.38 -8.43
N GLY B 22 -17.71 -0.03 -9.72
CA GLY B 22 -18.83 0.64 -10.35
C GLY B 22 -20.10 -0.20 -10.42
N ALA B 23 -19.93 -1.50 -10.66
CA ALA B 23 -21.08 -2.42 -10.71
C ALA B 23 -21.74 -2.61 -9.35
N LEU B 24 -20.94 -2.67 -8.30
CA LEU B 24 -21.44 -2.89 -6.95
C LEU B 24 -21.88 -1.58 -6.27
N LEU B 25 -21.43 -0.43 -6.77
CA LEU B 25 -21.75 0.87 -6.16
C LEU B 25 -22.31 1.90 -7.14
N LYS B 26 -23.35 1.51 -7.85
N LYS B 26 -23.38 1.53 -7.84
CA LYS B 26 -24.15 2.44 -8.65
CA LYS B 26 -24.06 2.47 -8.74
C LYS B 26 -24.52 3.67 -7.84
C LYS B 26 -24.63 3.64 -7.95
N PRO B 27 -24.39 4.88 -8.42
CA PRO B 27 -24.68 6.15 -7.74
C PRO B 27 -25.94 6.17 -6.87
N ASP B 28 -25.73 6.54 -5.60
CA ASP B 28 -26.70 6.43 -4.53
C ASP B 28 -27.88 7.40 -4.64
N GLU B 29 -28.94 7.16 -3.88
CA GLU B 29 -29.94 8.18 -3.66
C GLU B 29 -29.27 9.31 -2.88
N TRP B 30 -28.32 8.93 -2.02
CA TRP B 30 -27.41 9.88 -1.37
C TRP B 30 -26.66 10.72 -2.39
N TYR B 31 -26.15 10.10 -3.45
CA TYR B 31 -25.38 10.83 -4.48
C TYR B 31 -26.27 11.78 -5.25
N ASP B 32 -27.45 11.32 -5.64
CA ASP B 32 -28.38 12.17 -6.40
C ASP B 32 -28.80 13.40 -5.58
N ASN B 33 -28.86 13.26 -4.27
CA ASN B 33 -29.31 14.36 -3.43
C ASN B 33 -28.21 15.34 -3.06
N LEU B 34 -26.97 14.99 -3.39
CA LEU B 34 -25.87 15.92 -3.21
C LEU B 34 -26.08 17.14 -4.10
N ASN B 35 -25.72 18.31 -3.59
CA ASN B 35 -25.61 19.49 -4.45
C ASN B 35 -24.50 19.25 -5.47
N LYS B 36 -24.81 19.44 -6.74
CA LYS B 36 -23.91 19.19 -7.86
C LYS B 36 -23.41 20.51 -8.46
N PRO B 37 -22.17 20.53 -8.97
CA PRO B 37 -21.72 21.70 -9.71
C PRO B 37 -22.53 21.84 -11.00
N TRP B 38 -22.60 23.05 -11.55
CA TRP B 38 -23.50 23.31 -12.67
C TRP B 38 -23.17 22.44 -13.88
N TRP B 39 -21.90 22.10 -14.04
CA TRP B 39 -21.42 21.38 -15.22
C TRP B 39 -21.46 19.87 -15.06
N ASN B 40 -22.19 19.40 -14.05
CA ASN B 40 -22.29 17.98 -13.78
C ASN B 40 -22.95 17.20 -14.92
N PRO B 41 -22.25 16.17 -15.45
CA PRO B 41 -22.77 15.35 -16.56
C PRO B 41 -23.95 14.46 -16.14
N PRO B 42 -24.80 14.05 -17.10
CA PRO B 42 -25.88 13.13 -16.74
C PRO B 42 -25.32 11.73 -16.40
N ARG B 43 -26.09 10.94 -15.68
CA ARG B 43 -25.58 9.70 -15.09
C ARG B 43 -25.06 8.67 -16.10
N TRP B 44 -25.57 8.71 -17.33
CA TRP B 44 -25.19 7.71 -18.34
C TRP B 44 -23.80 7.96 -18.91
N VAL B 45 -23.30 9.18 -18.75
CA VAL B 45 -21.99 9.55 -19.27
C VAL B 45 -20.89 8.72 -18.60
N PHE B 46 -21.04 8.47 -17.31
CA PHE B 46 -19.95 7.88 -16.51
C PHE B 46 -19.58 6.45 -16.88
N PRO B 47 -20.56 5.53 -16.97
CA PRO B 47 -20.14 4.17 -17.39
C PRO B 47 -19.64 4.13 -18.84
N LEU B 48 -20.09 5.09 -19.64
CA LEU B 48 -19.62 5.23 -21.00
C LEU B 48 -18.14 5.67 -20.97
N ALA B 49 -17.84 6.69 -20.17
CA ALA B 49 -16.49 7.20 -20.06
C ALA B 49 -15.53 6.15 -19.51
N TRP B 50 -15.87 5.52 -18.38
CA TRP B 50 -14.94 4.56 -17.78
C TRP B 50 -14.73 3.31 -18.63
N THR B 51 -15.81 2.77 -19.21
CA THR B 51 -15.66 1.61 -20.09
C THR B 51 -14.72 1.92 -21.24
N SER B 52 -14.91 3.07 -21.88
CA SER B 52 -14.03 3.49 -22.96
C SER B 52 -12.58 3.59 -22.48
N LEU B 53 -12.38 4.19 -21.32
CA LEU B 53 -11.03 4.37 -20.77
C LEU B 53 -10.35 3.06 -20.41
N TYR B 54 -11.11 2.09 -19.92
CA TYR B 54 -10.51 0.78 -19.64
C TYR B 54 -9.92 0.18 -20.93
N PHE B 55 -10.62 0.33 -22.05
CA PHE B 55 -10.11 -0.20 -23.30
C PHE B 55 -8.90 0.61 -23.77
N LEU B 56 -8.99 1.95 -23.72
CA LEU B 56 -7.87 2.78 -24.16
C LEU B 56 -6.59 2.58 -23.31
N MET B 57 -6.75 2.54 -21.99
CA MET B 57 -5.56 2.43 -21.13
C MET B 57 -4.91 1.04 -21.29
N SER B 58 -5.73 0.02 -21.51
CA SER B 58 -5.20 -1.34 -21.71
C SER B 58 -4.47 -1.47 -23.04
N LEU B 59 -4.98 -0.79 -24.05
CA LEU B 59 -4.34 -0.76 -25.35
C LEU B 59 -2.98 -0.12 -25.19
N ALA B 60 -2.95 1.03 -24.51
CA ALA B 60 -1.72 1.78 -24.28
C ALA B 60 -0.69 0.95 -23.54
N ALA B 61 -1.10 0.30 -22.45
CA ALA B 61 -0.20 -0.54 -21.68
C ALA B 61 0.33 -1.75 -22.49
N MET B 62 -0.53 -2.37 -23.29
CA MET B 62 -0.10 -3.48 -24.19
C MET B 62 1.07 -3.02 -25.08
N ARG B 63 0.94 -1.85 -25.71
CA ARG B 63 1.99 -1.34 -26.57
C ARG B 63 3.28 -1.13 -25.80
N VAL B 64 3.19 -0.52 -24.61
CA VAL B 64 4.38 -0.13 -23.85
C VAL B 64 5.14 -1.32 -23.24
N ALA B 65 4.37 -2.29 -22.76
CA ALA B 65 4.93 -3.47 -22.09
C ALA B 65 5.77 -4.33 -23.03
N GLN B 66 5.66 -4.07 -24.32
CA GLN B 66 6.46 -4.80 -25.30
C GLN B 66 7.83 -4.17 -25.53
N LEU B 67 8.01 -2.94 -25.05
CA LEU B 67 9.20 -2.17 -25.35
C LEU B 67 10.25 -2.26 -24.26
N GLU B 68 11.51 -2.20 -24.67
CA GLU B 68 12.65 -2.14 -23.76
C GLU B 68 12.59 -0.88 -22.89
N GLY B 69 12.90 -1.03 -21.60
CA GLY B 69 12.91 0.10 -20.68
C GLY B 69 11.57 0.55 -20.14
N SER B 70 10.55 -0.29 -20.28
CA SER B 70 9.19 0.11 -19.92
C SER B 70 8.85 -0.12 -18.44
N GLY B 71 9.83 -0.59 -17.68
CA GLY B 71 9.62 -0.92 -16.28
C GLY B 71 9.05 0.21 -15.44
N GLN B 72 9.66 1.40 -15.54
CA GLN B 72 9.19 2.55 -14.77
C GLN B 72 7.80 2.97 -15.21
N ALA B 73 7.55 2.88 -16.53
CA ALA B 73 6.24 3.22 -17.07
C ALA B 73 5.15 2.29 -16.52
N LEU B 74 5.47 1.01 -16.42
CA LEU B 74 4.49 0.01 -15.98
C LEU B 74 4.30 0.06 -14.47
N ALA B 75 5.32 0.53 -13.76
CA ALA B 75 5.21 0.79 -12.31
C ALA B 75 4.20 1.93 -12.05
N PHE B 76 4.32 3.02 -12.78
CA PHE B 76 3.34 4.11 -12.74
C PHE B 76 1.93 3.61 -13.10
N TYR B 77 1.86 2.71 -14.07
CA TYR B 77 0.56 2.21 -14.52
C TYR B 77 -0.10 1.41 -13.40
N ALA B 78 0.71 0.61 -12.70
CA ALA B 78 0.18 -0.18 -11.59
C ALA B 78 -0.32 0.75 -10.51
N ALA B 79 0.41 1.82 -10.28
CA ALA B 79 0.04 2.78 -9.24
C ALA B 79 -1.29 3.47 -9.56
N GLN B 80 -1.45 3.96 -10.79
CA GLN B 80 -2.68 4.68 -11.10
C GLN B 80 -3.90 3.75 -11.06
N LEU B 81 -3.74 2.50 -11.52
CA LEU B 81 -4.85 1.56 -11.53
C LEU B 81 -5.32 1.24 -10.10
N ALA B 82 -4.36 1.09 -9.18
CA ALA B 82 -4.71 0.80 -7.79
C ALA B 82 -5.48 1.95 -7.12
N PHE B 83 -5.04 3.17 -7.37
CA PHE B 83 -5.72 4.31 -6.77
C PHE B 83 -7.05 4.58 -7.45
N ASN B 84 -7.15 4.20 -8.73
CA ASN B 84 -8.42 4.23 -9.45
C ASN B 84 -9.39 3.26 -8.76
N THR B 85 -8.90 2.07 -8.43
CA THR B 85 -9.74 1.04 -7.83
C THR B 85 -10.22 1.47 -6.42
N LEU B 86 -9.38 2.24 -5.74
CA LEU B 86 -9.62 2.68 -4.38
C LEU B 86 -10.70 3.77 -4.32
N TRP B 87 -10.77 4.60 -5.36
CA TRP B 87 -11.56 5.82 -5.25
C TRP B 87 -13.07 5.60 -5.13
N THR B 88 -13.65 4.78 -6.00
CA THR B 88 -15.11 4.64 -5.99
C THR B 88 -15.66 4.13 -4.64
N PRO B 89 -15.04 3.10 -4.03
CA PRO B 89 -15.53 2.70 -2.70
C PRO B 89 -15.40 3.77 -1.62
N VAL B 90 -14.35 4.58 -1.67
CA VAL B 90 -14.20 5.63 -0.65
C VAL B 90 -15.25 6.72 -0.83
N PHE B 91 -15.47 7.13 -2.08
CA PHE B 91 -16.42 8.23 -2.32
C PHE B 91 -17.88 7.77 -2.24
N PHE B 92 -18.22 6.70 -2.96
CA PHE B 92 -19.60 6.24 -3.02
C PHE B 92 -19.95 5.23 -1.92
N GLY B 93 -18.99 4.37 -1.59
CA GLY B 93 -19.22 3.38 -0.56
C GLY B 93 -19.24 3.98 0.84
N MET B 94 -18.07 4.44 1.28
CA MET B 94 -17.89 4.96 2.63
C MET B 94 -18.35 6.42 2.78
N LYS B 95 -18.52 7.09 1.64
N LYS B 95 -18.53 7.08 1.64
CA LYS B 95 -18.96 8.49 1.61
CA LYS B 95 -18.91 8.48 1.58
C LYS B 95 -18.00 9.47 2.29
C LYS B 95 -18.01 9.34 2.47
N ARG B 96 -16.70 9.15 2.29
CA ARG B 96 -15.72 10.02 2.93
C ARG B 96 -15.14 10.94 1.85
N MET B 97 -15.81 12.06 1.64
CA MET B 97 -15.54 12.86 0.44
C MET B 97 -14.16 13.53 0.48
N ALA B 98 -13.71 13.93 1.67
CA ALA B 98 -12.42 14.58 1.79
C ALA B 98 -11.27 13.58 1.56
N THR B 99 -11.39 12.39 2.14
CA THR B 99 -10.44 11.31 1.93
C THR B 99 -10.40 10.92 0.45
N ALA B 100 -11.58 10.90 -0.17
CA ALA B 100 -11.71 10.55 -1.58
C ALA B 100 -10.99 11.56 -2.44
N LEU B 101 -11.02 12.83 -2.02
CA LEU B 101 -10.33 13.88 -2.76
C LEU B 101 -8.82 13.63 -2.77
N ALA B 102 -8.28 13.26 -1.61
CA ALA B 102 -6.87 12.92 -1.55
C ALA B 102 -6.55 11.75 -2.46
N VAL B 103 -7.42 10.74 -2.46
CA VAL B 103 -7.22 9.55 -3.31
C VAL B 103 -7.20 9.90 -4.81
N VAL B 104 -8.13 10.75 -5.24
CA VAL B 104 -8.26 11.04 -6.66
C VAL B 104 -7.15 12.00 -7.10
N MET B 105 -6.65 12.83 -6.19
CA MET B 105 -5.48 13.66 -6.49
C MET B 105 -4.21 12.82 -6.71
N VAL B 106 -4.02 11.81 -5.87
CA VAL B 106 -2.90 10.88 -6.04
C VAL B 106 -3.09 10.10 -7.34
N MET B 107 -4.33 9.68 -7.59
CA MET B 107 -4.67 8.99 -8.84
C MET B 107 -4.26 9.88 -10.02
N TRP B 108 -4.64 11.16 -9.95
CA TRP B 108 -4.37 12.12 -11.02
C TRP B 108 -2.87 12.19 -11.31
N LEU B 109 -2.09 12.31 -10.24
CA LEU B 109 -0.63 12.38 -10.35
C LEU B 109 -0.03 11.17 -11.07
N PHE B 110 -0.51 9.99 -10.72
CA PHE B 110 0.02 8.77 -11.34
C PHE B 110 -0.50 8.58 -12.77
N VAL B 111 -1.71 9.07 -13.06
CA VAL B 111 -2.21 9.05 -14.44
C VAL B 111 -1.31 9.96 -15.28
N ALA B 112 -0.98 11.14 -14.75
CA ALA B 112 -0.10 12.09 -15.44
C ALA B 112 1.30 11.51 -15.60
N ALA B 113 1.82 10.88 -14.55
CA ALA B 113 3.14 10.24 -14.62
C ALA B 113 3.16 9.11 -15.64
N THR B 114 2.13 8.26 -15.62
CA THR B 114 2.04 7.17 -16.59
C THR B 114 2.03 7.73 -18.03
N MET B 115 1.19 8.72 -18.27
CA MET B 115 1.09 9.38 -19.59
C MET B 115 2.46 9.86 -20.07
N TRP B 116 3.13 10.64 -19.23
CA TRP B 116 4.46 11.16 -19.54
C TRP B 116 5.44 10.05 -19.85
N ALA B 117 5.45 9.02 -19.01
CA ALA B 117 6.32 7.87 -19.21
C ALA B 117 6.01 7.17 -20.51
N PHE B 118 4.72 6.96 -20.78
CA PHE B 118 4.29 6.33 -22.03
C PHE B 118 4.79 7.14 -23.25
N PHE B 119 4.68 8.46 -23.19
CA PHE B 119 5.16 9.32 -24.29
C PHE B 119 6.66 9.17 -24.58
N GLN B 120 7.47 8.98 -23.55
CA GLN B 120 8.92 8.75 -23.73
C GLN B 120 9.25 7.47 -24.51
N LEU B 121 8.29 6.55 -24.62
CA LEU B 121 8.56 5.22 -25.19
C LEU B 121 7.79 4.97 -26.48
N ASP B 122 6.61 5.57 -26.56
CA ASP B 122 5.69 5.35 -27.66
C ASP B 122 4.67 6.46 -27.71
N THR B 123 4.73 7.28 -28.76
CA THR B 123 3.80 8.40 -28.88
C THR B 123 2.32 7.99 -28.81
N TRP B 124 1.95 6.91 -29.51
CA TRP B 124 0.54 6.49 -29.53
C TRP B 124 -0.01 6.08 -28.15
N ALA B 125 0.84 5.46 -27.33
CA ALA B 125 0.41 5.05 -25.99
C ALA B 125 0.21 6.28 -25.12
N GLY B 126 1.01 7.32 -25.36
CA GLY B 126 0.85 8.58 -24.67
C GLY B 126 -0.47 9.21 -25.05
N VAL B 127 -0.75 9.21 -26.35
CA VAL B 127 -1.99 9.81 -26.84
C VAL B 127 -3.23 9.12 -26.27
N LEU B 128 -3.20 7.80 -26.17
CA LEU B 128 -4.32 7.04 -25.61
C LEU B 128 -4.59 7.42 -24.16
N PHE B 129 -3.56 7.85 -23.43
CA PHE B 129 -3.75 8.31 -22.05
C PHE B 129 -4.23 9.74 -21.89
N VAL B 130 -4.18 10.54 -22.95
CA VAL B 130 -4.64 11.92 -22.84
C VAL B 130 -6.12 12.07 -22.43
N PRO B 131 -7.07 11.33 -23.06
CA PRO B 131 -8.44 11.46 -22.55
C PRO B 131 -8.62 10.95 -21.12
N TYR B 132 -7.77 10.02 -20.70
CA TYR B 132 -7.77 9.56 -19.31
C TYR B 132 -7.36 10.72 -18.39
N LEU B 133 -6.27 11.43 -18.69
CA LEU B 133 -5.87 12.53 -17.83
C LEU B 133 -6.95 13.61 -17.80
N ILE B 134 -7.54 13.90 -18.94
CA ILE B 134 -8.64 14.87 -19.00
C ILE B 134 -9.80 14.45 -18.08
N TRP B 135 -10.20 13.18 -18.17
CA TRP B 135 -11.31 12.67 -17.35
C TRP B 135 -10.99 12.66 -15.86
N ALA B 136 -9.75 12.35 -15.51
CA ALA B 136 -9.29 12.36 -14.12
C ALA B 136 -9.30 13.77 -13.54
N THR B 137 -9.00 14.74 -14.40
CA THR B 137 -9.08 16.15 -14.02
C THR B 137 -10.54 16.49 -13.70
N ALA B 138 -11.46 16.09 -14.58
CA ALA B 138 -12.90 16.32 -14.37
C ALA B 138 -13.41 15.63 -13.11
N THR B 139 -12.97 14.39 -12.91
CA THR B 139 -13.32 13.64 -11.70
C THR B 139 -12.81 14.33 -10.44
N THR B 140 -11.57 14.83 -10.49
CA THR B 140 -11.00 15.53 -9.35
C THR B 140 -11.83 16.77 -9.05
N GLY B 141 -12.18 17.51 -10.09
CA GLY B 141 -13.06 18.67 -9.95
C GLY B 141 -14.42 18.33 -9.34
N LEU B 142 -15.03 17.25 -9.80
CA LEU B 142 -16.31 16.80 -9.25
C LEU B 142 -16.22 16.48 -7.77
N ASN B 143 -15.12 15.85 -7.37
CA ASN B 143 -14.93 15.46 -5.98
C ASN B 143 -14.69 16.71 -5.12
N PHE B 144 -13.99 17.68 -5.69
CA PHE B 144 -13.73 18.93 -4.98
C PHE B 144 -15.03 19.72 -4.81
N GLU B 145 -15.80 19.80 -5.89
CA GLU B 145 -17.08 20.51 -5.88
C GLU B 145 -18.09 19.82 -4.96
N ALA B 146 -18.06 18.48 -4.92
CA ALA B 146 -18.97 17.75 -4.04
C ALA B 146 -18.76 18.18 -2.58
N MET B 147 -17.51 18.42 -2.19
CA MET B 147 -17.19 18.91 -0.84
C MET B 147 -17.60 20.34 -0.62
N ARG B 148 -17.15 21.20 -1.52
CA ARG B 148 -17.41 22.62 -1.42
C ARG B 148 -18.92 22.91 -1.38
N LEU B 149 -19.71 22.14 -2.15
CA LEU B 149 -21.13 22.43 -2.29
C LEU B 149 -22.01 21.71 -1.25
N ASN B 150 -21.39 20.89 -0.41
CA ASN B 150 -22.13 20.12 0.60
C ASN B 150 -21.39 20.13 1.92
N TRP B 151 -20.75 21.26 2.22
CA TRP B 151 -19.88 21.35 3.37
C TRP B 151 -20.66 21.25 4.70
N ASN B 152 -21.98 21.43 4.66
CA ASN B 152 -22.79 21.23 5.87
C ASN B 152 -23.05 19.77 6.22
N ARG B 153 -22.63 18.86 5.33
CA ARG B 153 -22.76 17.44 5.63
C ARG B 153 -21.51 16.96 6.33
N PRO B 154 -21.66 16.22 7.43
CA PRO B 154 -20.50 15.70 8.16
C PRO B 154 -19.56 14.88 7.27
N GLU B 155 -20.12 14.17 6.29
CA GLU B 155 -19.30 13.25 5.47
C GLU B 155 -18.50 14.02 4.40
N ALA B 156 -18.73 15.32 4.31
CA ALA B 156 -17.98 16.19 3.42
C ALA B 156 -16.68 16.69 4.04
N ARG B 157 -16.57 16.58 5.37
CA ARG B 157 -15.49 17.26 6.08
C ARG B 157 -14.44 16.29 6.63
N ASN C 2 35.11 -10.04 7.63
CA ASN C 2 35.80 -9.89 8.90
C ASN C 2 34.94 -9.25 9.98
N MET C 3 34.33 -10.09 10.82
CA MET C 3 33.54 -9.62 11.95
C MET C 3 34.38 -8.76 12.89
N ASP C 4 34.01 -7.50 13.07
CA ASP C 4 34.68 -6.61 14.01
C ASP C 4 33.80 -6.49 15.25
N TRP C 5 34.20 -7.20 16.29
CA TRP C 5 33.39 -7.28 17.50
C TRP C 5 33.30 -5.95 18.26
N ALA C 6 34.42 -5.25 18.33
CA ALA C 6 34.47 -3.94 18.97
C ALA C 6 33.49 -2.97 18.29
N LEU C 7 33.51 -2.95 16.96
CA LEU C 7 32.58 -2.12 16.18
C LEU C 7 31.12 -2.50 16.41
N PHE C 8 30.82 -3.79 16.29
CA PHE C 8 29.45 -4.24 16.42
C PHE C 8 28.92 -3.87 17.79
N LEU C 9 29.73 -4.16 18.81
CA LEU C 9 29.32 -3.92 20.17
C LEU C 9 29.13 -2.44 20.47
N THR C 10 29.91 -1.57 19.83
CA THR C 10 29.69 -0.13 20.02
C THR C 10 28.37 0.33 19.39
N PHE C 11 28.07 -0.16 18.19
CA PHE C 11 26.80 0.16 17.56
C PHE C 11 25.65 -0.42 18.40
N LEU C 12 25.84 -1.62 18.93
CA LEU C 12 24.84 -2.21 19.82
C LEU C 12 24.62 -1.35 21.06
N ALA C 13 25.71 -0.90 21.66
CA ALA C 13 25.63 -0.07 22.86
C ALA C 13 24.88 1.23 22.60
N ALA C 14 25.02 1.76 21.39
CA ALA C 14 24.32 2.97 21.01
C ALA C 14 22.81 2.72 21.05
N CYS C 15 22.41 1.50 20.69
CA CYS C 15 21.00 1.12 20.75
C CYS C 15 20.52 1.01 22.20
N GLY C 16 21.44 1.05 23.15
CA GLY C 16 21.05 1.15 24.54
C GLY C 16 20.23 2.39 24.84
N ALA C 17 20.51 3.49 24.13
CA ALA C 17 19.76 4.73 24.35
C ALA C 17 18.24 4.60 24.04
N PRO C 18 17.86 4.24 22.79
CA PRO C 18 16.40 4.14 22.56
C PRO C 18 15.73 3.06 23.42
N ALA C 19 16.46 1.98 23.67
CA ALA C 19 15.97 0.89 24.51
C ALA C 19 15.59 1.35 25.93
N THR C 20 16.29 2.37 26.44
CA THR C 20 16.09 2.88 27.80
C THR C 20 14.70 3.46 28.02
N THR C 21 14.03 3.85 26.93
CA THR C 21 12.64 4.30 27.03
C THR C 21 11.79 3.28 27.79
N GLY C 22 12.11 2.00 27.61
CA GLY C 22 11.41 0.91 28.28
C GLY C 22 11.27 1.11 29.78
N ALA C 23 12.29 1.70 30.41
CA ALA C 23 12.30 1.92 31.86
C ALA C 23 11.56 3.18 32.28
N LEU C 24 11.03 3.92 31.31
CA LEU C 24 10.27 5.13 31.62
C LEU C 24 8.77 4.85 31.46
N LEU C 25 8.41 3.57 31.50
CA LEU C 25 7.04 3.09 31.29
C LEU C 25 6.81 1.93 32.30
N LYS C 26 5.58 1.43 32.53
CA LYS C 26 4.32 1.82 31.87
C LYS C 26 3.12 1.67 32.82
N PRO C 27 2.55 2.81 33.27
CA PRO C 27 1.26 2.82 33.95
C PRO C 27 0.10 3.24 33.03
N ASP C 28 -0.36 2.37 32.13
CA ASP C 28 -1.45 2.74 31.21
C ASP C 28 -2.83 2.30 31.71
N GLU C 29 -3.60 3.28 32.13
CA GLU C 29 -4.80 3.09 32.94
C GLU C 29 -6.03 2.68 32.11
N TRP C 30 -6.99 2.00 32.75
CA TRP C 30 -8.11 1.41 32.04
C TRP C 30 -8.97 2.46 31.35
N TYR C 31 -9.11 3.63 31.96
CA TYR C 31 -9.99 4.66 31.40
C TYR C 31 -9.32 5.40 30.24
N ASP C 32 -8.08 5.02 29.95
CA ASP C 32 -7.33 5.60 28.84
C ASP C 32 -7.36 4.69 27.62
N ASN C 33 -8.12 3.59 27.72
CA ASN C 33 -8.09 2.53 26.71
C ASN C 33 -8.48 2.99 25.30
N LEU C 34 -9.36 3.97 25.21
CA LEU C 34 -9.83 4.46 23.91
C LEU C 34 -8.89 5.49 23.24
N ASN C 35 -7.73 5.77 23.83
CA ASN C 35 -6.85 6.81 23.27
C ASN C 35 -5.84 6.18 22.30
N LYS C 36 -5.65 4.87 22.46
CA LYS C 36 -4.69 4.10 21.66
C LYS C 36 -5.37 3.60 20.39
N PRO C 37 -4.61 3.46 19.31
CA PRO C 37 -5.14 2.91 18.05
C PRO C 37 -5.83 1.57 18.26
N TRP C 38 -7.00 1.39 17.67
CA TRP C 38 -7.76 0.16 17.91
C TRP C 38 -7.06 -1.08 17.37
N TRP C 39 -6.19 -0.92 16.37
CA TRP C 39 -5.45 -2.08 15.84
C TRP C 39 -4.09 -2.29 16.48
N ASN C 40 -3.87 -1.65 17.63
CA ASN C 40 -2.58 -1.73 18.26
C ASN C 40 -2.19 -3.17 18.58
N PRO C 41 -0.91 -3.51 18.32
CA PRO C 41 -0.43 -4.83 18.73
C PRO C 41 -0.32 -4.89 20.24
N PRO C 42 -0.21 -6.09 20.82
CA PRO C 42 0.00 -6.16 22.25
C PRO C 42 1.37 -5.60 22.62
N ARG C 43 1.49 -5.20 23.89
CA ARG C 43 2.68 -4.51 24.39
C ARG C 43 3.97 -5.28 24.12
N TRP C 44 3.92 -6.59 24.25
CA TRP C 44 5.13 -7.40 24.13
C TRP C 44 5.73 -7.46 22.72
N VAL C 45 4.93 -7.17 21.70
CA VAL C 45 5.45 -7.23 20.34
C VAL C 45 6.50 -6.14 20.10
N PHE C 46 6.26 -4.94 20.65
CA PHE C 46 7.14 -3.79 20.41
C PHE C 46 8.61 -4.07 20.79
N PRO C 47 8.87 -4.45 22.06
CA PRO C 47 10.28 -4.70 22.40
C PRO C 47 10.88 -5.89 21.64
N LEU C 48 10.03 -6.81 21.21
CA LEU C 48 10.51 -7.97 20.47
C LEU C 48 11.03 -7.55 19.08
N ALA C 49 10.28 -6.68 18.41
CA ALA C 49 10.68 -6.19 17.10
C ALA C 49 11.91 -5.28 17.23
N TRP C 50 11.85 -4.33 18.17
CA TRP C 50 12.94 -3.36 18.33
C TRP C 50 14.27 -4.03 18.69
N THR C 51 14.24 -4.99 19.60
CA THR C 51 15.46 -5.73 19.93
C THR C 51 16.06 -6.42 18.73
N SER C 52 15.19 -7.07 17.94
CA SER C 52 15.62 -7.69 16.70
C SER C 52 16.29 -6.66 15.79
N LEU C 53 15.68 -5.48 15.69
CA LEU C 53 16.18 -4.42 14.82
C LEU C 53 17.50 -3.81 15.34
N TYR C 54 17.62 -3.66 16.66
CA TYR C 54 18.88 -3.19 17.24
C TYR C 54 20.01 -4.09 16.79
N PHE C 55 19.80 -5.40 16.80
CA PHE C 55 20.84 -6.31 16.38
C PHE C 55 21.08 -6.23 14.87
N LEU C 56 20.00 -6.15 14.09
CA LEU C 56 20.18 -6.11 12.65
C LEU C 56 20.87 -4.82 12.19
N MET C 57 20.44 -3.68 12.74
CA MET C 57 21.00 -2.41 12.31
C MET C 57 22.47 -2.26 12.72
N SER C 58 22.83 -2.86 13.86
CA SER C 58 24.20 -2.82 14.39
C SER C 58 25.15 -3.67 13.57
N LEU C 59 24.68 -4.84 13.13
CA LEU C 59 25.44 -5.67 12.20
C LEU C 59 25.61 -4.98 10.85
N ALA C 60 24.53 -4.40 10.32
CA ALA C 60 24.63 -3.63 9.07
C ALA C 60 25.69 -2.51 9.16
N ALA C 61 25.62 -1.72 10.22
CA ALA C 61 26.50 -0.58 10.40
C ALA C 61 27.93 -1.07 10.54
N MET C 62 28.13 -2.20 11.22
CA MET C 62 29.47 -2.78 11.36
C MET C 62 30.07 -3.06 9.99
N ARG C 63 29.28 -3.66 9.10
CA ARG C 63 29.78 -4.00 7.76
C ARG C 63 30.16 -2.76 7.01
N VAL C 64 29.26 -1.78 7.03
CA VAL C 64 29.48 -0.52 6.34
C VAL C 64 30.71 0.24 6.88
N ALA C 65 30.85 0.27 8.21
CA ALA C 65 31.92 1.07 8.84
C ALA C 65 33.31 0.51 8.52
N GLN C 66 33.36 -0.71 7.99
CA GLN C 66 34.63 -1.33 7.60
C GLN C 66 35.04 -0.97 6.18
N LEU C 67 34.20 -0.20 5.48
CA LEU C 67 34.41 0.01 4.05
C LEU C 67 34.77 1.46 3.69
N GLU C 68 35.58 1.60 2.65
CA GLU C 68 35.98 2.90 2.14
C GLU C 68 34.75 3.65 1.64
N GLY C 69 34.71 4.96 1.87
CA GLY C 69 33.60 5.77 1.44
C GLY C 69 32.35 5.67 2.29
N SER C 70 32.48 5.13 3.50
CA SER C 70 31.33 4.90 4.39
C SER C 70 30.78 6.16 5.07
N GLY C 71 31.45 7.30 4.88
CA GLY C 71 31.10 8.52 5.61
C GLY C 71 29.65 8.99 5.54
N GLN C 72 29.11 9.17 4.34
CA GLN C 72 27.76 9.65 4.18
C GLN C 72 26.79 8.64 4.77
N ALA C 73 27.07 7.34 4.55
CA ALA C 73 26.19 6.29 5.07
C ALA C 73 26.11 6.34 6.59
N LEU C 74 27.26 6.50 7.23
CA LEU C 74 27.29 6.50 8.68
C LEU C 74 26.70 7.80 9.26
N ALA C 75 26.72 8.89 8.49
CA ALA C 75 26.07 10.11 8.92
C ALA C 75 24.56 9.91 8.89
N PHE C 76 24.06 9.25 7.85
CA PHE C 76 22.63 8.92 7.79
C PHE C 76 22.26 8.02 8.96
N TYR C 77 23.13 7.05 9.24
CA TYR C 77 22.90 6.10 10.30
C TYR C 77 22.77 6.84 11.63
N ALA C 78 23.67 7.78 11.86
CA ALA C 78 23.62 8.55 13.11
C ALA C 78 22.29 9.31 13.24
N ALA C 79 21.84 9.89 12.13
CA ALA C 79 20.61 10.69 12.12
C ALA C 79 19.41 9.81 12.38
N GLN C 80 19.37 8.66 11.73
CA GLN C 80 18.29 7.71 11.89
C GLN C 80 18.16 7.31 13.36
N LEU C 81 19.30 6.97 13.95
CA LEU C 81 19.34 6.53 15.35
C LEU C 81 18.90 7.65 16.30
N ALA C 82 19.31 8.87 16.00
CA ALA C 82 18.98 10.01 16.85
C ALA C 82 17.48 10.26 16.81
N PHE C 83 16.86 10.20 15.64
CA PHE C 83 15.41 10.41 15.59
C PHE C 83 14.65 9.22 16.12
N ASN C 84 15.20 8.02 16.00
CA ASN C 84 14.61 6.85 16.67
C ASN C 84 14.59 7.05 18.19
N THR C 85 15.65 7.66 18.71
CA THR C 85 15.85 7.79 20.15
C THR C 85 14.96 8.87 20.72
N LEU C 86 14.70 9.91 19.94
CA LEU C 86 13.80 10.99 20.34
C LEU C 86 12.36 10.52 20.29
N TRP C 87 12.01 9.83 19.21
CA TRP C 87 10.61 9.45 18.97
C TRP C 87 10.09 8.57 20.09
N THR C 88 10.88 7.54 20.39
CA THR C 88 10.45 6.51 21.33
C THR C 88 9.96 7.04 22.70
N PRO C 89 10.67 7.99 23.34
CA PRO C 89 10.13 8.55 24.58
C PRO C 89 8.99 9.51 24.34
N VAL C 90 9.13 10.39 23.34
CA VAL C 90 8.07 11.35 23.01
C VAL C 90 6.74 10.64 22.73
N PHE C 91 6.79 9.52 22.02
CA PHE C 91 5.59 8.74 21.65
C PHE C 91 5.05 7.84 22.78
N PHE C 92 5.87 6.92 23.29
CA PHE C 92 5.42 5.96 24.32
C PHE C 92 5.41 6.57 25.73
N GLY C 93 6.23 7.58 25.96
CA GLY C 93 6.39 8.14 27.30
C GLY C 93 5.61 9.41 27.56
N MET C 94 5.95 10.49 26.85
CA MET C 94 5.27 11.78 27.07
C MET C 94 3.94 11.85 26.32
N LYS C 95 3.68 10.86 25.48
N LYS C 95 3.68 10.85 25.49
CA LYS C 95 2.41 10.77 24.76
CA LYS C 95 2.43 10.75 24.73
C LYS C 95 2.04 12.01 23.94
C LYS C 95 2.04 12.03 23.99
N ARG C 96 3.04 12.75 23.47
CA ARG C 96 2.78 13.90 22.59
C ARG C 96 2.66 13.41 21.15
N MET C 97 1.43 13.07 20.75
CA MET C 97 1.22 12.29 19.54
C MET C 97 1.45 13.00 18.22
N ALA C 98 1.04 14.26 18.13
CA ALA C 98 1.24 14.99 16.90
C ALA C 98 2.73 15.27 16.69
N THR C 99 3.42 15.63 17.77
CA THR C 99 4.87 15.82 17.72
C THR C 99 5.57 14.51 17.38
N ALA C 100 5.15 13.42 18.01
CA ALA C 100 5.75 12.14 17.75
C ALA C 100 5.56 11.75 16.28
N LEU C 101 4.41 12.09 15.70
CA LEU C 101 4.19 11.80 14.28
C LEU C 101 5.20 12.54 13.40
N ALA C 102 5.49 13.81 13.70
CA ALA C 102 6.47 14.55 12.92
C ALA C 102 7.82 13.85 13.02
N VAL C 103 8.20 13.49 14.22
CA VAL C 103 9.48 12.85 14.47
C VAL C 103 9.60 11.49 13.75
N VAL C 104 8.56 10.67 13.84
CA VAL C 104 8.62 9.33 13.28
C VAL C 104 8.70 9.42 11.75
N MET C 105 8.14 10.48 11.17
CA MET C 105 8.20 10.64 9.72
C MET C 105 9.62 11.06 9.29
N VAL C 106 10.30 11.84 10.13
CA VAL C 106 11.70 12.21 9.89
C VAL C 106 12.57 10.97 10.06
N MET C 107 12.30 10.21 11.12
CA MET C 107 12.99 8.95 11.35
C MET C 107 12.84 8.06 10.10
N TRP C 108 11.63 7.97 9.56
CA TRP C 108 11.38 7.10 8.42
C TRP C 108 12.25 7.46 7.22
N LEU C 109 12.37 8.75 6.95
CA LEU C 109 13.14 9.26 5.82
C LEU C 109 14.63 8.95 5.99
N PHE C 110 15.13 9.10 7.21
CA PHE C 110 16.51 8.79 7.49
C PHE C 110 16.77 7.30 7.51
N VAL C 111 15.79 6.49 7.92
CA VAL C 111 15.96 5.03 7.82
C VAL C 111 16.09 4.64 6.33
N ALA C 112 15.22 5.21 5.51
CA ALA C 112 15.26 5.00 4.06
C ALA C 112 16.55 5.51 3.47
N ALA C 113 16.96 6.71 3.87
CA ALA C 113 18.22 7.29 3.38
C ALA C 113 19.42 6.42 3.78
N THR C 114 19.39 5.88 5.00
CA THR C 114 20.45 4.98 5.44
C THR C 114 20.47 3.68 4.61
N MET C 115 19.29 3.11 4.37
CA MET C 115 19.15 1.89 3.55
C MET C 115 19.72 2.15 2.15
N TRP C 116 19.32 3.27 1.57
CA TRP C 116 19.86 3.69 0.28
C TRP C 116 21.39 3.78 0.27
N ALA C 117 21.96 4.48 1.25
CA ALA C 117 23.43 4.61 1.34
C ALA C 117 24.11 3.26 1.65
N PHE C 118 23.44 2.42 2.43
CA PHE C 118 24.01 1.13 2.80
C PHE C 118 24.05 0.19 1.57
N PHE C 119 22.95 0.11 0.84
CA PHE C 119 22.94 -0.67 -0.42
C PHE C 119 24.04 -0.24 -1.42
N GLN C 120 24.38 1.06 -1.47
CA GLN C 120 25.45 1.52 -2.37
C GLN C 120 26.82 0.96 -2.01
N LEU C 121 26.98 0.56 -0.75
CA LEU C 121 28.29 0.11 -0.25
C LEU C 121 28.38 -1.39 -0.09
N ASP C 122 27.27 -2.00 0.29
CA ASP C 122 27.26 -3.42 0.68
C ASP C 122 25.85 -3.96 0.63
N THR C 123 25.64 -4.94 -0.24
CA THR C 123 24.29 -5.45 -0.44
C THR C 123 23.70 -6.05 0.82
N TRP C 124 24.48 -6.76 1.62
CA TRP C 124 23.92 -7.33 2.84
C TRP C 124 23.54 -6.29 3.91
N ALA C 125 24.35 -5.23 4.05
CA ALA C 125 23.99 -4.16 4.96
C ALA C 125 22.66 -3.54 4.54
N GLY C 126 22.42 -3.45 3.23
CA GLY C 126 21.17 -2.88 2.75
C GLY C 126 20.00 -3.79 3.06
N VAL C 127 20.19 -5.08 2.77
CA VAL C 127 19.16 -6.07 3.04
C VAL C 127 18.82 -6.09 4.52
N LEU C 128 19.83 -5.91 5.36
CA LEU C 128 19.61 -5.91 6.80
C LEU C 128 18.74 -4.74 7.27
N PHE C 129 18.69 -3.66 6.49
CA PHE C 129 17.79 -2.55 6.82
C PHE C 129 16.38 -2.69 6.30
N VAL C 130 16.11 -3.65 5.43
CA VAL C 130 14.75 -3.79 4.94
C VAL C 130 13.69 -4.09 6.04
N PRO C 131 13.98 -5.02 6.97
CA PRO C 131 13.00 -5.20 8.05
C PRO C 131 12.78 -3.93 8.87
N TYR C 132 13.82 -3.11 8.97
CA TYR C 132 13.74 -1.85 9.71
C TYR C 132 12.81 -0.88 8.96
N LEU C 133 12.93 -0.78 7.64
CA LEU C 133 12.03 0.14 6.94
C LEU C 133 10.59 -0.37 7.03
N ILE C 134 10.41 -1.70 6.98
CA ILE C 134 9.08 -2.28 7.17
C ILE C 134 8.47 -1.84 8.52
N TRP C 135 9.22 -2.08 9.59
CA TRP C 135 8.70 -1.77 10.93
C TRP C 135 8.51 -0.27 11.12
N ALA C 136 9.36 0.56 10.53
CA ALA C 136 9.18 2.01 10.66
C ALA C 136 7.90 2.44 9.95
N THR C 137 7.55 1.70 8.89
CA THR C 137 6.32 2.01 8.16
C THR C 137 5.07 1.66 9.00
N ALA C 138 5.06 0.49 9.62
CA ALA C 138 3.96 0.08 10.52
C ALA C 138 3.81 1.08 11.65
N THR C 139 4.94 1.45 12.22
CA THR C 139 4.99 2.41 13.31
C THR C 139 4.41 3.77 12.94
N THR C 140 4.73 4.25 11.75
CA THR C 140 4.20 5.54 11.32
C THR C 140 2.67 5.45 11.16
N GLY C 141 2.20 4.31 10.66
CA GLY C 141 0.77 4.05 10.56
C GLY C 141 0.10 4.09 11.93
N LEU C 142 0.67 3.38 12.90
CA LEU C 142 0.14 3.43 14.27
C LEU C 142 0.14 4.85 14.82
N ASN C 143 1.23 5.58 14.63
CA ASN C 143 1.32 6.96 15.16
C ASN C 143 0.30 7.88 14.51
N PHE C 144 0.06 7.71 13.21
CA PHE C 144 -0.89 8.58 12.52
C PHE C 144 -2.29 8.45 13.13
N GLU C 145 -2.64 7.24 13.54
CA GLU C 145 -3.96 7.01 14.09
C GLU C 145 -4.00 7.42 15.54
N ALA C 146 -2.85 7.42 16.19
CA ALA C 146 -2.76 7.92 17.56
C ALA C 146 -2.93 9.45 17.57
N MET C 147 -2.44 10.10 16.52
CA MET C 147 -2.57 11.54 16.35
C MET C 147 -4.04 11.91 16.17
N ARG C 148 -4.71 11.22 15.25
CA ARG C 148 -6.13 11.45 14.96
C ARG C 148 -7.02 11.39 16.20
N LEU C 149 -6.88 10.31 16.97
CA LEU C 149 -7.68 10.10 18.18
C LEU C 149 -7.35 11.06 19.32
N ASN C 150 -6.26 11.81 19.16
CA ASN C 150 -5.68 12.64 20.22
C ASN C 150 -5.47 11.85 21.52
C18 OLC D . 3.60 -12.28 6.29
C10 OLC D . 12.16 -9.80 6.09
C9 OLC D . 12.62 -10.12 4.87
C17 OLC D . 5.01 -11.77 6.05
C11 OLC D . 10.80 -9.14 6.21
C8 OLC D . 13.74 -9.32 4.21
C24 OLC D . 20.24 -5.76 -5.70
C16 OLC D . 5.99 -12.93 6.15
C12 OLC D . 9.88 -9.99 7.06
C7 OLC D . 13.76 -9.66 2.73
C15 OLC D . 7.36 -12.50 5.65
C13 OLC D . 9.35 -11.13 6.22
C6 OLC D . 14.81 -8.83 2.02
C14 OLC D . 7.89 -11.40 6.54
C5 OLC D . 14.40 -8.57 0.60
C4 OLC D . 15.33 -7.53 -0.01
C3 OLC D . 16.19 -8.16 -1.09
C2 OLC D . 15.81 -7.65 -2.47
C21 OLC D . 18.39 -5.48 -4.09
C1 OLC D . 16.71 -6.51 -2.86
C22 OLC D . 18.85 -5.22 -5.50
O19 OLC D . 17.11 -5.78 -1.99
O25 OLC D . 20.16 -7.17 -5.77
O23 OLC D . 17.97 -5.93 -6.32
O20 OLC D . 17.35 -6.44 -4.12
C18 OLC E . 10.71 -19.80 0.01
C10 OLC E . 11.38 -14.39 2.64
C9 OLC E . 12.12 -13.62 1.83
C17 OLC E . 10.68 -19.24 1.42
C11 OLC E . 10.55 -13.78 3.75
C8 OLC E . 13.25 -14.21 1.02
C24 OLC E . 22.24 -10.98 -3.12
C16 OLC E . 9.87 -17.97 1.45
C12 OLC E . 10.00 -14.84 4.68
C7 OLC E . 14.41 -13.23 0.90
C15 OLC E . 9.00 -17.96 2.69
C13 OLC E . 9.08 -15.78 3.92
C6 OLC E . 15.13 -13.04 2.22
C14 OLC E . 9.71 -17.16 3.77
C5 OLC E . 16.64 -13.18 2.06
C4 OLC E . 17.27 -11.91 1.51
C3 OLC E . 17.53 -12.03 0.02
C2 OLC E . 18.84 -11.36 -0.36
C21 OLC E . 19.92 -10.46 -3.79
C1 OLC E . 18.75 -10.80 -1.77
C22 OLC E . 21.34 -10.62 -4.28
O19 OLC E . 17.79 -11.03 -2.46
O25 OLC E . 22.17 -9.99 -2.11
O23 OLC E . 21.39 -11.66 -5.24
O20 OLC E . 19.92 -10.34 -2.39
C18 OLC F . -4.36 -21.99 6.13
C10 OLC F . 1.14 -21.91 -1.21
C9 OLC F . 2.13 -22.38 -2.02
C17 OLC F . -3.60 -21.55 4.89
C11 OLC F . 0.50 -22.82 -0.18
C8 OLC F . 3.38 -21.57 -2.29
C24 OLC F . 10.93 -21.63 -12.56
C16 OLC F . -2.13 -21.48 5.20
C12 OLC F . -0.12 -22.04 0.97
C7 OLC F . 4.45 -22.46 -2.92
C15 OLC F . -1.30 -21.35 3.93
C13 OLC F . -0.13 -22.84 2.27
C6 OLC F . 4.94 -21.87 -4.22
C14 OLC F . -1.40 -22.59 3.07
C5 OLC F . 6.25 -22.50 -4.69
C4 OLC F . 6.46 -22.25 -6.18
C3 OLC F . 7.92 -22.40 -6.59
C2 OLC F . 8.07 -22.36 -8.11
C21 OLC F . 11.24 -22.04 -10.11
C1 OLC F . 9.53 -22.49 -8.52
C22 OLC F . 11.74 -22.36 -11.51
O19 OLC F . 10.40 -22.39 -7.69
O25 OLC F . 11.69 -21.57 -13.76
O23 OLC F . 13.09 -21.97 -11.64
O20 OLC F . 9.91 -22.49 -9.89
C18 OLC G . 13.83 -13.35 15.29
C10 OLC G . 5.59 -9.87 15.56
C9 OLC G . 5.52 -10.79 16.54
C17 OLC G . 12.48 -12.96 15.87
C11 OLC G . 6.86 -9.03 15.40
C8 OLC G . 4.43 -11.84 16.57
C24 OLC G . -1.93 -11.32 22.72
C16 OLC G . 11.70 -12.16 14.85
C12 OLC G . 8.07 -9.95 15.39
C7 OLC G . 4.31 -12.55 15.24
C15 OLC G . 10.77 -11.17 15.53
C13 OLC G . 9.34 -9.16 15.13
C6 OLC G . 3.36 -13.73 15.35
C14 OLC G . 10.41 -10.07 14.56
C5 OLC G . 2.12 -13.30 16.11
C4 OLC G . 1.23 -14.48 16.45
C3 OLC G . 0.10 -13.98 17.32
C2 OLC G . -0.55 -15.13 18.07
C21 OLC G . -1.68 -12.90 20.81
C1 OLC G . -1.43 -14.59 19.18
C22 OLC G . -1.03 -12.36 22.07
O19 OLC G . -2.63 -14.81 19.17
O25 OLC G . -1.48 -11.01 24.03
O23 OLC G . -0.81 -13.43 22.96
O20 OLC G . -0.86 -13.92 20.28
C10 OLC H . -9.35 -20.00 -7.98
C9 OLC H . -8.21 -20.16 -7.27
C8 OLC H . -8.26 -19.96 -5.77
C24 OLC H . -7.25 -24.38 6.55
C7 OLC H . -7.40 -21.00 -5.08
C6 OLC H . -7.25 -20.53 -3.65
C5 OLC H . -6.97 -21.69 -2.72
C4 OLC H . -7.60 -21.37 -1.39
C3 OLC H . -7.22 -22.42 -0.36
C2 OLC H . -8.17 -22.35 0.83
C21 OLC H . -7.20 -23.13 4.42
C1 OLC H . -7.39 -22.71 2.08
C22 OLC H . -7.91 -24.21 5.20
O19 OLC H . -6.27 -23.18 1.97
O25 OLC H . -7.82 -25.48 7.24
O23 OLC H . -9.28 -23.87 5.38
O20 OLC H . -8.01 -22.68 3.36
C18 OLC I . 6.78 -19.40 5.12
C10 OLC I . 2.49 -14.21 9.62
C9 OLC I . 1.74 -14.15 10.74
C17 OLC I . 7.00 -18.08 5.82
C11 OLC I . 3.05 -15.55 9.17
C8 OLC I . 0.97 -15.38 11.17
C24 OLC I . -3.68 -22.55 18.66
C16 OLC I . 5.69 -17.49 6.30
C12 OLC I . 2.52 -15.94 7.81
C7 OLC I . 0.83 -15.40 12.68
C15 OLC I . 4.88 -16.95 5.14
C13 OLC I . 3.61 -15.66 6.78
C6 OLC I . -0.62 -15.55 13.05
C14 OLC I . 3.48 -16.61 5.61
C5 OLC I . -0.90 -16.98 13.45
C4 OLC I . -1.94 -16.97 14.55
C3 OLC I . -2.92 -18.10 14.29
C2 OLC I . -4.16 -17.87 15.14
C21 OLC I . -3.97 -20.14 18.13
C1 OLC I . -3.93 -18.34 16.55
C22 OLC I . -4.69 -21.44 18.47
O19 OLC I . -3.46 -17.56 17.36
O25 OLC I . -2.83 -22.64 17.55
O23 OLC I . -5.43 -21.27 19.65
O20 OLC I . -4.52 -19.55 16.97
CHA PP9 J . -6.55 -4.70 5.02
CHB PP9 J . -7.49 -6.25 9.15
CHC PP9 J . -6.48 -1.71 10.63
CHD PP9 J . -3.25 -1.95 7.24
NA PP9 J . -6.96 -5.32 7.13
C1A PP9 J . -7.03 -5.65 5.88
C2A PP9 J . -7.52 -6.98 5.73
C3A PP9 J . -7.81 -7.41 7.05
C4A PP9 J . -7.42 -6.30 7.84
CMA PP9 J . -8.38 -8.68 7.45
CAA PP9 J . -7.78 -7.81 4.55
CBA PP9 J . -6.78 -8.92 4.13
CGA PP9 J . -6.70 -10.26 4.97
O1A PP9 J . -7.80 -10.72 5.41
O2A PP9 J . -5.58 -10.82 5.15
NB PP9 J . -6.85 -3.86 9.39
C1B PP9 J . -7.30 -5.11 9.83
C2B PP9 J . -7.59 -5.11 11.15
C3B PP9 J . -7.34 -3.87 11.62
C4B PP9 J . -6.88 -3.10 10.50
CMB PP9 J . -8.06 -6.30 11.67
CAB PP9 J . -7.53 -3.44 12.97
CBB PP9 J . -7.60 -4.22 14.00
NC PP9 J . -4.88 -2.18 8.91
C1C PP9 J . -5.55 -1.35 9.77
C2C PP9 J . -5.09 0.04 9.57
C3C PP9 J . -4.15 -0.08 8.59
C4C PP9 J . -3.99 -1.43 8.17
CMC PP9 J . -5.64 1.10 10.32
CAC PP9 J . -3.42 1.05 8.06
CBC PP9 J . -2.13 1.10 8.25
ND PP9 J . -5.15 -3.34 6.51
C1D PP9 J . -3.96 -2.74 6.30
C2D PP9 J . -3.48 -2.91 5.01
C3D PP9 J . -4.44 -3.71 4.37
C4D PP9 J . -5.47 -3.97 5.26
CMD PP9 J . -2.24 -2.32 4.66
CAD PP9 J . -4.43 -4.16 3.03
CBD PP9 J . -4.84 -5.60 2.79
CGD PP9 J . -4.66 -5.87 1.38
O1D PP9 J . -3.63 -5.38 0.89
O2D PP9 J . -5.56 -6.55 0.81
C18 OLC K . -14.79 -3.35 -18.82
C10 OLC K . -10.20 -11.44 -20.00
C9 OLC K . -10.26 -12.34 -21.00
C17 OLC K . -13.62 -4.13 -18.28
C11 OLC K . -10.68 -10.02 -20.23
C8 OLC K . -9.81 -13.78 -20.77
C24 OLC K . 0.17 -15.10 -28.83
C16 OLC K . -14.08 -5.52 -17.88
C12 OLC K . -11.86 -9.69 -19.33
C7 OLC K . -9.74 -14.53 -22.09
C15 OLC K . -12.90 -6.43 -17.73
C13 OLC K . -11.91 -8.20 -19.11
C6 OLC K . -8.59 -15.52 -22.06
C14 OLC K . -13.17 -7.78 -18.38
C5 OLC K . -7.94 -15.60 -23.44
C4 OLC K . -6.43 -15.46 -23.30
C3 OLC K . -5.78 -15.70 -24.66
C2 OLC K . -4.28 -15.47 -24.59
C21 OLC K . -1.90 -15.16 -27.50
C1 OLC K . -3.68 -15.53 -25.98
C22 OLC K . -0.48 -14.62 -27.55
O19 OLC K . -4.10 -16.36 -26.77
O25 OLC K . 1.50 -14.62 -28.91
O23 OLC K . -0.48 -13.21 -27.52
O20 OLC K . -2.55 -14.76 -26.30
C18 OLC L . -15.64 -8.10 -14.08
C10 OLC L . -8.73 -12.86 -16.06
C9 OLC L . -8.52 -12.99 -17.39
C17 OLC L . -15.24 -9.27 -13.20
C11 OLC L . -9.98 -13.42 -15.39
C8 OLC L . -7.40 -13.86 -17.95
C24 OLC L . 4.76 -15.54 -20.71
C16 OLC L . -13.73 -9.44 -13.18
C12 OLC L . -10.60 -12.39 -14.47
C7 OLC L . -6.22 -13.04 -18.39
C15 OLC L . -13.22 -9.79 -14.56
C13 OLC L . -11.58 -11.53 -15.23
C6 OLC L . -5.62 -13.67 -19.63
C14 OLC L . -11.77 -10.22 -14.50
C5 OLC L . -4.11 -13.65 -19.55
C4 OLC L . -3.53 -14.87 -20.25
C3 OLC L . -2.05 -14.67 -20.44
C2 OLC L . -1.29 -15.97 -20.30
C21 OLC L . 2.41 -15.83 -19.97
C1 OLC L . 0.14 -15.73 -20.71
C22 OLC L . 3.36 -15.93 -21.14
O19 OLC L . 0.38 -14.84 -21.51
O25 OLC L . 5.16 -14.33 -21.32
O23 OLC L . 3.38 -17.26 -21.63
O20 OLC L . 1.20 -16.52 -20.20
C18 OLC M . -3.17 21.17 -13.65
C10 OLC M . 2.93 17.08 -18.37
C9 OLC M . 3.58 16.76 -19.51
C17 OLC M . -1.81 20.73 -14.16
C11 OLC M . 1.68 16.31 -17.97
C8 OLC M . 2.80 16.16 -20.66
C24 OLC M . 6.53 12.74 -29.42
C16 OLC M . -1.85 20.57 -15.67
C12 OLC M . 0.77 17.16 -17.11
C7 OLC M . 3.72 15.90 -21.83
C15 OLC M . -0.60 19.86 -16.13
C13 OLC M . 0.34 18.37 -17.88
C6 OLC M . 4.34 14.53 -21.67
C14 OLC M . -0.94 18.93 -17.28
C5 OLC M . 5.27 14.26 -22.83
C4 OLC M . 6.66 14.70 -22.48
C3 OLC M . 7.54 14.69 -23.72
C2 OLC M . 7.16 13.48 -24.53
C21 OLC M . 6.15 12.76 -26.99
C1 OLC M . 8.06 13.32 -25.75
C22 OLC M . 5.93 11.98 -28.26
O19 OLC M . 9.00 12.55 -25.64
O25 OLC M . 6.61 14.12 -29.11
O23 OLC M . 6.50 10.70 -28.13
O20 OLC M . 7.42 13.38 -27.00
C24 OLC N . -30.44 7.32 -21.17
C6 OLC N . -22.71 9.42 -26.75
C5 OLC N . -23.75 9.12 -27.81
C4 OLC N . -25.14 9.53 -27.37
C3 OLC N . -25.44 8.99 -25.98
C2 OLC N . -26.61 8.03 -26.00
C21 OLC N . -28.99 7.85 -23.11
C1 OLC N . -27.60 8.41 -24.93
C22 OLC N . -29.05 7.17 -21.75
O19 OLC N . -28.47 9.21 -25.20
O25 OLC N . -30.55 6.61 -19.96
O23 OLC N . -28.72 5.81 -21.86
O20 OLC N . -27.77 7.62 -23.76
C18 OLC O . 1.88 13.80 -2.65
C10 OLC O . -6.61 16.59 0.40
C9 OLC O . -7.66 17.41 0.64
C17 OLC O . 0.51 13.94 -2.01
C11 OLC O . -5.39 17.10 -0.34
C8 OLC O . -8.32 17.38 2.01
C24 OLC O . -16.66 25.56 1.10
C16 OLC O . -0.26 15.05 -2.69
C12 OLC O . -4.30 16.04 -0.25
C7 OLC O . -9.54 18.27 2.06
C15 OLC O . -1.74 14.74 -2.75
C13 OLC O . -3.46 16.05 -1.51
C6 OLC O . -9.15 19.72 1.86
C14 OLC O . -2.37 15.00 -1.40
C5 OLC O . -9.84 20.28 0.62
C4 OLC O . -10.95 21.23 0.99
C3 OLC O . -11.80 21.52 -0.25
C2 OLC O . -13.25 21.83 0.10
C21 OLC O . -14.17 25.34 1.10
C1 OLC O . -13.39 23.11 0.89
C22 OLC O . -15.42 25.37 1.96
O19 OLC O . -13.36 23.06 2.11
O25 OLC O . -17.30 26.76 1.44
O23 OLC O . -15.49 24.15 2.64
O20 OLC O . -14.13 24.17 0.32
C24 OLC P . -8.52 21.07 -9.47
C5 OLC P . -2.40 17.28 -7.35
C4 OLC P . -3.42 16.72 -8.32
C3 OLC P . -3.77 17.75 -9.37
C2 OLC P . -5.25 17.67 -9.70
C21 OLC P . -7.47 20.00 -11.45
C1 OLC P . -5.63 18.71 -10.74
C22 OLC P . -8.77 20.16 -10.67
O19 OLC P . -4.91 19.67 -10.93
O25 OLC P . -9.50 20.84 -8.48
O23 OLC P . -9.77 20.72 -11.49
O20 OLC P . -6.95 18.72 -11.23
C24 OLC Q . -0.93 2.22 -34.73
C5 OLC Q . -9.48 3.12 -30.86
C4 OLC Q . -8.31 3.97 -31.30
C3 OLC Q . -7.09 3.09 -31.42
C2 OLC Q . -5.87 3.95 -31.65
C21 OLC Q . -2.76 2.54 -33.07
C1 OLC Q . -4.62 3.08 -31.69
C22 OLC Q . -1.77 3.23 -33.98
O19 OLC Q . -4.67 1.92 -31.33
O25 OLC Q . 0.39 2.69 -34.77
O23 OLC Q . -2.46 4.04 -34.90
O20 OLC Q . -3.48 3.53 -32.38
O1 Z0P R . 12.61 8.03 -13.45
C1 Z0P R . 12.61 9.47 -13.55
O2 Z0P R . 10.95 9.45 -10.77
C2 Z0P R . 11.28 10.01 -13.10
O3 Z0P R . 10.44 10.16 -14.21
C3 Z0P R . 10.67 9.02 -12.10
O4 Z0P R . 8.16 10.53 -14.29
C4 Z0P R . 10.14 8.78 -9.79
O5 Z0P R . 10.08 7.58 -9.79
C5 Z0P R . 9.35 9.56 -8.75
C6 Z0P R . 8.16 8.67 -8.28
C7 Z0P R . 8.36 8.26 -6.79
C8 Z0P R . 7.04 7.65 -6.23
C9 Z0P R . 6.63 8.35 -4.90
C10 Z0P R . 7.30 7.65 -3.68
C11 Z0P R . 6.53 7.95 -2.34
C12 Z0P R . 7.28 7.27 -1.11
C13 Z0P R . 6.48 6.07 -0.59
C14 Z0P R . 6.10 6.29 0.86
C15 Z0P R . 5.39 5.03 1.47
C16 Z0P R . 4.07 4.75 0.73
C17 Z0P R . 3.06 3.93 1.62
C18 Z0P R . 3.61 2.56 1.97
C19 Z0P R . 2.44 1.54 2.06
C20 Z0P R . 9.27 10.98 -14.05
C21 Z0P R . 9.38 12.46 -13.58
C22 Z0P R . 8.43 12.61 -12.33
C23 Z0P R . 6.97 12.87 -12.78
C24 Z0P R . 6.07 11.88 -12.04
C25 Z0P R . 6.23 12.04 -10.53
C26 Z0P R . 5.71 10.81 -9.83
C27 Z0P R . 4.32 11.05 -9.23
C28 Z0P R . 4.31 10.69 -7.76
C29 Z0P R . 2.89 10.81 -7.17
C30 Z0P R . 2.98 11.04 -5.64
C31 Z0P R . 2.43 9.80 -4.86
C32 Z0P R . 2.64 9.95 -3.32
C33 Z0P R . 1.45 9.32 -2.57
C34 Z0P R . 1.93 8.01 -1.85
C35 Z0P R . 0.72 7.06 -1.71
C36 Z0P R . 0.13 7.13 -0.28
C37 Z0P R . -1.38 7.34 -0.34
C18 OLC S . 21.22 22.48 14.58
C10 OLC S . 19.40 19.54 7.05
C9 OLC S . 19.08 18.89 5.91
C17 OLC S . 20.05 21.71 13.98
C11 OLC S . 19.47 21.06 7.08
C8 OLC S . 20.10 17.97 5.28
C24 OLC S . 26.08 10.14 -2.14
C16 OLC S . 19.74 22.28 12.61
C12 OLC S . 20.38 21.49 8.22
C7 OLC S . 19.49 16.58 5.17
C15 OLC S . 19.06 21.23 11.75
C13 OLC S . 19.95 20.79 9.49
C6 OLC S . 20.55 15.60 4.74
C14 OLC S . 19.07 21.70 10.31
C5 OLC S . 21.18 16.06 3.45
C4 OLC S . 21.87 14.86 2.83
C3 OLC S . 22.16 15.12 1.36
C2 OLC S . 23.51 14.52 1.04
C21 OLC S . 24.43 11.78 -1.30
C1 OLC S . 23.36 13.44 0.00
C22 OLC S . 25.56 11.56 -2.27
O19 OLC S . 22.32 12.83 -0.07
O25 OLC S . 27.01 10.08 -1.08
O20 OLC S . 24.44 13.11 -0.85
C18 OLC T . 2.91 4.99 6.33
C10 OLC T . 7.89 10.30 2.16
C9 OLC T . 8.90 9.69 1.48
C17 OLC T . 3.97 5.47 5.36
C11 OLC T . 8.03 10.67 3.63
C8 OLC T . 9.63 10.41 0.36
C24 OLC T . 17.35 8.73 -5.99
C16 OLC T . 5.10 6.14 6.12
C12 OLC T . 6.86 10.13 4.45
C7 OLC T . 10.70 9.51 -0.23
C15 OLC T . 5.88 7.10 5.23
C13 OLC T . 7.38 9.09 5.42
C6 OLC T . 12.07 9.93 0.24
C14 OLC T . 6.25 8.31 6.05
C5 OLC T . 12.90 8.70 0.56
C4 OLC T . 14.27 9.10 1.09
C3 OLC T . 15.32 8.20 0.47
C2 OLC T . 15.15 8.20 -1.03
C21 OLC T . 17.77 8.02 -3.65
C1 OLC T . 16.42 7.74 -1.70
C22 OLC T . 17.80 7.59 -5.10
O19 OLC T . 17.43 7.63 -1.03
O25 OLC T . 18.10 8.68 -7.20
O23 OLC T . 19.11 7.22 -5.49
O20 OLC T . 16.51 7.72 -3.10
C18 OLC U . 8.98 18.06 15.26
C10 OLC U . 16.23 18.30 9.65
C9 OLC U . 15.42 18.15 8.58
C17 OLC U . 9.61 17.83 13.90
C11 OLC U . 15.82 17.75 11.00
C8 OLC U . 15.00 16.77 8.11
C24 OLC U . 19.18 12.39 -2.57
C16 OLC U . 11.02 17.29 14.05
C12 OLC U . 14.91 18.72 11.72
C7 OLC U . 15.93 16.31 7.02
C15 OLC U . 11.82 17.71 12.84
C13 OLC U . 14.29 18.03 12.92
C6 OLC U . 15.26 15.22 6.21
C14 OLC U . 12.94 18.65 13.27
C5 OLC U . 16.28 14.45 5.40
C4 OLC U . 15.76 13.07 5.07
C3 OLC U . 16.85 12.28 4.37
C2 OLC U . 16.51 12.07 2.91
C21 OLC U . 18.48 12.38 -0.20
C1 OLC U . 17.74 12.25 2.04
C22 OLC U . 18.63 11.55 -1.44
O19 OLC U . 18.57 13.10 2.31
O25 OLC U . 20.48 11.94 -2.90
O23 OLC U . 19.51 10.48 -1.18
O20 OLC U . 17.79 11.63 0.77
C18 OLC V . 10.27 -13.45 22.51
C10 OLC V . 12.36 -6.61 26.68
C9 OLC V . 13.27 -6.19 27.57
C17 OLC V . 8.97 -12.82 22.97
C11 OLC V . 12.12 -8.06 26.35
C8 OLC V . 13.29 -4.72 27.93
C24 OLC V . 5.77 -0.36 23.80
C16 OLC V . 9.25 -11.53 23.75
C12 OLC V . 11.04 -8.13 25.28
C7 OLC V . 12.88 -3.91 26.72
C15 OLC V . 10.30 -11.79 24.80
C13 OLC V . 11.05 -9.48 24.61
C6 OLC V . 14.04 -3.76 25.76
C14 OLC V . 10.56 -10.52 25.58
C5 OLC V . 13.58 -3.13 24.46
C4 OLC V . 12.83 -1.85 24.76
C3 OLC V . 12.86 -0.98 23.52
C2 OLC V . 11.88 0.16 23.67
C21 OLC V . 8.15 -0.04 23.05
C1 OLC V . 10.51 -0.33 23.27
C22 OLC V . 7.00 0.53 23.86
O19 OLC V . 10.41 -1.41 22.72
O25 OLC V . 4.97 -0.19 24.96
O23 OLC V . 7.42 0.62 25.19
O20 OLC V . 9.37 0.45 23.57
O1 P4C W . 13.85 -13.36 21.87
C2 P4C W . 14.23 -12.01 21.93
C3 P4C W . 13.62 -11.40 23.17
O4 P4C W . 14.02 -10.06 23.23
C5 P4C W . 14.55 -9.82 24.52
C6 P4C W . 15.22 -8.47 24.58
O7 P4C W . 15.09 -7.92 25.88
C8 P4C W . 16.32 -8.05 26.54
C9 P4C W . 17.35 -7.18 25.84
O10 P4C W . 18.22 -8.03 25.12
C11 P4C W . 18.86 -7.25 24.15
C12 P4C W . 20.20 -6.80 24.69
O13 P4C W . 21.03 -7.92 24.85
C14 P4C W . 22.32 -7.45 25.19
C15 P4C W . 23.11 -8.58 25.80
O16 P4C W . 23.38 -9.55 24.81
C17 P4C W . 24.38 -9.02 23.97
C18 P4C W . 24.58 -9.99 22.81
O19 P4C W . 25.90 -9.84 22.33
C20 P4C W . 26.09 -10.76 21.29
C21 P4C W . 27.37 -10.39 20.60
O22 P4C W . 28.43 -10.94 20.95
O2' MOE X . 36.62 5.90 4.88
CA' MOE X . 37.37 6.89 4.16
CB' MOE X . 36.70 7.11 2.83
OC' MOE X . 37.66 7.36 1.79
CD' MOE X . 37.05 7.66 0.55
#